data_3F1T
#
_entry.id   3F1T
#
_cell.length_a   65.626
_cell.length_b   72.988
_cell.length_c   120.741
_cell.angle_alpha   90.00
_cell.angle_beta   90.00
_cell.angle_gamma   90.00
#
_symmetry.space_group_name_H-M   'P 21 21 21'
#
loop_
_entity.id
_entity.type
_entity.pdbx_description
1 polymer 'uncharacterized protein Q9I3C8_PSEAE'
2 non-polymer 'MAGNESIUM ION'
3 water water
#
_entity_poly.entity_id   1
_entity_poly.type   'polypeptide(L)'
_entity_poly.pdbx_seq_one_letter_code
;(MSE)SENPLLERARRFLSALRHCQVLGLTVEAADEKGLTLRLPYSQAIIGNPESGVVHGGAITTL(MSE)DTTCGISTV
CVLPDFEICPTLDLRIDY(MSE)HPAEPHKDVYGFAECYRVTPNVIFTRGFAYQDDPGQPIAHVVGAF(MSE)R(MSE)G
LEHHHHHH
;
_entity_poly.pdbx_strand_id   A,B,C,D
#
loop_
_chem_comp.id
_chem_comp.type
_chem_comp.name
_chem_comp.formula
MG non-polymer 'MAGNESIUM ION' 'Mg 2'
#
# COMPACT_ATOMS: atom_id res chain seq x y z
N ASN A 4 32.05 -0.68 -3.55
CA ASN A 4 32.97 -1.11 -4.65
C ASN A 4 32.73 -2.55 -5.13
N PRO A 5 32.81 -3.53 -4.21
CA PRO A 5 32.26 -4.85 -4.49
C PRO A 5 30.74 -4.84 -4.65
N LEU A 6 30.05 -4.04 -3.83
CA LEU A 6 28.63 -3.79 -3.98
C LEU A 6 28.31 -3.17 -5.33
N LEU A 7 29.20 -2.28 -5.79
CA LEU A 7 29.03 -1.63 -7.08
C LEU A 7 28.99 -2.67 -8.21
N GLU A 8 29.81 -3.70 -8.08
CA GLU A 8 29.94 -4.70 -9.14
C GLU A 8 28.82 -5.72 -9.04
N ARG A 9 28.43 -6.04 -7.82
CA ARG A 9 27.30 -6.94 -7.61
C ARG A 9 26.00 -6.28 -8.05
N ALA A 10 25.83 -5.01 -7.71
CA ALA A 10 24.66 -4.27 -8.19
C ALA A 10 24.58 -4.23 -9.71
N ARG A 11 25.70 -3.96 -10.38
CA ARG A 11 25.74 -3.93 -11.83
C ARG A 11 25.40 -5.30 -12.43
N ARG A 12 25.85 -6.36 -11.77
CA ARG A 12 25.60 -7.73 -12.23
C ARG A 12 24.16 -8.20 -12.03
N PHE A 13 23.53 -7.77 -10.93
CA PHE A 13 22.09 -7.90 -10.75
C PHE A 13 21.36 -7.24 -11.92
N LEU A 14 21.65 -5.96 -12.12
CA LEU A 14 21.00 -5.17 -13.16
C LEU A 14 21.10 -5.73 -14.58
N SER A 15 22.30 -6.18 -14.95
CA SER A 15 22.52 -6.67 -16.32
C SER A 15 21.75 -7.96 -16.57
N ALA A 16 21.26 -8.57 -15.49
CA ALA A 16 20.45 -9.77 -15.59
C ALA A 16 19.01 -9.42 -15.98
N LEU A 17 18.68 -8.14 -15.95
CA LEU A 17 17.31 -7.69 -16.18
C LEU A 17 17.18 -7.15 -17.59
N ARG A 18 16.48 -7.89 -18.46
CA ARG A 18 16.28 -7.49 -19.86
C ARG A 18 15.51 -6.18 -20.05
N HIS A 19 14.29 -6.11 -19.50
CA HIS A 19 13.44 -4.92 -19.61
C HIS A 19 14.18 -3.65 -19.15
N CYS A 20 15.01 -3.79 -18.11
CA CYS A 20 15.85 -2.69 -17.66
C CYS A 20 16.98 -2.35 -18.63
N GLN A 21 17.35 -3.32 -19.47
CA GLN A 21 18.37 -3.11 -20.49
C GLN A 21 17.85 -2.10 -21.49
N VAL A 22 16.63 -2.34 -21.97
CA VAL A 22 15.90 -1.41 -22.79
C VAL A 22 15.85 -0.01 -22.18
N LEU A 23 15.66 0.05 -20.86
CA LEU A 23 15.50 1.33 -20.19
C LEU A 23 16.85 1.99 -19.95
N GLY A 24 17.93 1.22 -20.09
CA GLY A 24 19.27 1.77 -19.94
C GLY A 24 19.54 2.28 -18.53
N LEU A 25 19.00 1.59 -17.54
CA LEU A 25 19.27 1.93 -16.14
C LEU A 25 20.76 1.75 -15.89
N THR A 26 21.35 2.64 -15.11
CA THR A 26 22.70 2.43 -14.60
C THR A 26 22.74 2.63 -13.10
N VAL A 27 23.64 1.90 -12.45
CA VAL A 27 23.98 2.12 -11.06
C VAL A 27 24.84 3.36 -10.88
N GLU A 28 24.38 4.29 -10.06
CA GLU A 28 25.15 5.49 -9.77
C GLU A 28 26.01 5.35 -8.51
N ALA A 29 25.50 4.62 -7.52
CA ALA A 29 26.20 4.48 -6.26
C ALA A 29 25.65 3.29 -5.48
N ALA A 30 26.47 2.72 -4.60
CA ALA A 30 26.03 1.57 -3.79
C ALA A 30 26.81 1.44 -2.47
N ASP A 31 26.24 1.99 -1.39
CA ASP A 31 26.94 2.03 -0.10
C ASP A 31 26.50 0.90 0.81
N GLU A 32 26.89 1.00 2.08
CA GLU A 32 26.15 0.40 3.18
C GLU A 32 24.96 1.30 3.54
N LYS A 33 24.86 2.43 2.84
CA LYS A 33 23.78 3.39 3.08
C LYS A 33 22.58 3.16 2.16
N GLY A 34 22.81 2.45 1.04
CA GLY A 34 21.73 2.12 0.13
C GLY A 34 22.15 2.23 -1.32
N LEU A 35 21.18 2.23 -2.22
CA LEU A 35 21.47 2.08 -3.64
C LEU A 35 20.84 3.21 -4.44
N THR A 36 21.59 3.75 -5.39
CA THR A 36 21.07 4.71 -6.34
C THR A 36 21.16 4.20 -7.78
N LEU A 37 20.05 4.31 -8.51
CA LEU A 37 20.03 3.99 -9.93
C LEU A 37 19.60 5.22 -10.72
N ARG A 38 19.93 5.23 -12.01
CA ARG A 38 19.58 6.34 -12.88
C ARG A 38 18.82 5.84 -14.11
N LEU A 39 17.66 6.46 -14.35
CA LEU A 39 16.88 6.25 -15.57
C LEU A 39 17.05 7.42 -16.53
N PRO A 40 17.70 7.18 -17.67
CA PRO A 40 17.84 8.24 -18.67
C PRO A 40 16.49 8.57 -19.33
N TYR A 41 16.12 9.85 -19.33
CA TYR A 41 14.79 10.24 -19.77
C TYR A 41 14.52 9.79 -21.20
N SER A 42 15.57 9.69 -22.00
CA SER A 42 15.42 9.43 -23.44
C SER A 42 15.03 7.99 -23.74
N GLN A 43 15.33 7.09 -22.81
CA GLN A 43 15.08 5.66 -23.01
C GLN A 43 13.66 5.28 -22.60
N ALA A 44 12.92 6.23 -22.05
CA ALA A 44 11.63 5.93 -21.42
C ALA A 44 10.57 6.99 -21.72
N ILE A 45 10.59 7.54 -22.93
CA ILE A 45 9.62 8.57 -23.35
C ILE A 45 8.27 7.93 -23.68
N ILE A 46 7.19 8.59 -23.28
CA ILE A 46 5.89 8.29 -23.85
C ILE A 46 5.42 9.43 -24.74
N GLY A 47 5.17 9.11 -26.01
CA GLY A 47 4.73 10.09 -26.99
C GLY A 47 5.87 10.73 -27.74
N ASN A 48 5.73 12.01 -28.05
CA ASN A 48 6.76 12.74 -28.78
C ASN A 48 8.06 12.84 -27.97
N PRO A 49 9.17 12.35 -28.53
CA PRO A 49 10.47 12.60 -27.91
C PRO A 49 10.84 14.08 -27.83
N GLU A 50 10.30 14.90 -28.73
CA GLU A 50 10.50 16.35 -28.63
C GLU A 50 10.13 16.89 -27.26
N SER A 51 8.90 16.61 -26.81
CA SER A 51 8.50 16.88 -25.44
C SER A 51 9.25 15.95 -24.49
N GLY A 52 9.24 16.28 -23.21
CA GLY A 52 10.24 15.69 -22.30
C GLY A 52 9.76 14.44 -21.59
N VAL A 53 8.61 13.91 -22.00
CA VAL A 53 7.75 13.18 -21.10
C VAL A 53 8.17 11.73 -20.87
N VAL A 54 8.56 11.44 -19.64
CA VAL A 54 8.96 10.11 -19.23
C VAL A 54 7.72 9.33 -18.81
N HIS A 55 7.60 8.11 -19.32
CA HIS A 55 6.53 7.24 -18.90
C HIS A 55 6.62 6.95 -17.41
N GLY A 56 5.50 7.15 -16.72
CA GLY A 56 5.40 6.84 -15.31
C GLY A 56 5.74 5.39 -15.06
N GLY A 57 5.45 4.55 -16.03
CA GLY A 57 5.71 3.11 -15.92
C GLY A 57 7.19 2.78 -15.90
N ALA A 58 8.01 3.66 -16.50
CA ALA A 58 9.46 3.51 -16.45
C ALA A 58 9.97 3.86 -15.05
N ILE A 59 9.47 4.97 -14.51
CA ILE A 59 9.81 5.36 -13.15
C ILE A 59 9.46 4.25 -12.15
N THR A 60 8.31 3.62 -12.36
CA THR A 60 7.91 2.48 -11.54
C THR A 60 8.89 1.31 -11.62
N THR A 61 9.27 0.95 -12.84
CA THR A 61 10.30 -0.05 -13.05
C THR A 61 11.58 0.36 -12.33
N LEU A 62 11.93 1.64 -12.44
CA LEU A 62 13.19 2.12 -11.84
C LEU A 62 13.14 1.84 -10.34
N MSE A 63 12.00 2.17 -9.74
N MSE A 63 11.98 2.11 -9.76
CA MSE A 63 11.85 2.08 -8.29
CA MSE A 63 11.80 2.08 -8.31
C MSE A 63 11.80 0.63 -7.83
C MSE A 63 11.73 0.66 -7.78
O MSE A 63 12.51 0.25 -6.91
O MSE A 63 12.21 0.37 -6.70
CB MSE A 63 10.59 2.83 -7.85
CB MSE A 63 10.52 2.84 -7.92
CG MSE A 63 10.77 4.34 -7.83
CG MSE A 63 10.72 4.34 -7.75
SE MSE A 63 9.27 5.30 -7.02
SE MSE A 63 12.59 4.81 -7.44
CE MSE A 63 7.86 4.62 -8.19
CE MSE A 63 12.87 3.91 -5.71
N ASP A 64 10.99 -0.19 -8.49
CA ASP A 64 10.93 -1.61 -8.18
C ASP A 64 12.33 -2.22 -8.24
N THR A 65 13.08 -1.87 -9.27
CA THR A 65 14.44 -2.38 -9.46
C THR A 65 15.44 -1.87 -8.42
N THR A 66 15.34 -0.59 -8.10
CA THR A 66 16.18 -0.02 -7.06
C THR A 66 15.97 -0.70 -5.70
N CYS A 67 14.72 -0.78 -5.26
CA CYS A 67 14.38 -1.59 -4.09
C CYS A 67 14.92 -3.01 -4.23
N GLY A 68 14.61 -3.64 -5.37
CA GLY A 68 15.02 -5.01 -5.60
C GLY A 68 16.52 -5.21 -5.48
N ILE A 69 17.30 -4.30 -6.05
CA ILE A 69 18.76 -4.46 -6.04
C ILE A 69 19.38 -4.02 -4.71
N SER A 70 18.72 -3.12 -3.99
CA SER A 70 19.30 -2.58 -2.77
C SER A 70 19.53 -3.67 -1.72
N THR A 71 18.88 -4.82 -1.93
CA THR A 71 19.08 -5.99 -1.09
C THR A 71 20.56 -6.45 -1.04
N VAL A 72 21.34 -6.08 -2.04
CA VAL A 72 22.76 -6.43 -2.09
C VAL A 72 23.62 -5.64 -1.09
N CYS A 73 23.03 -4.61 -0.47
CA CYS A 73 23.75 -3.84 0.55
C CYS A 73 23.72 -4.49 1.93
N VAL A 74 23.00 -5.61 2.04
CA VAL A 74 22.87 -6.30 3.31
C VAL A 74 23.09 -7.81 3.19
N LEU A 75 22.78 -8.38 2.04
CA LEU A 75 23.23 -9.73 1.72
C LEU A 75 24.70 -9.73 1.32
N PRO A 76 25.55 -10.38 2.13
CA PRO A 76 26.97 -10.55 1.80
C PRO A 76 27.20 -11.41 0.56
N ASP A 77 26.40 -12.46 0.41
CA ASP A 77 26.38 -13.23 -0.83
C ASP A 77 25.39 -12.62 -1.83
N PHE A 78 25.51 -13.01 -3.10
CA PHE A 78 24.62 -12.50 -4.13
C PHE A 78 23.46 -13.45 -4.44
N GLU A 79 22.24 -12.95 -4.23
CA GLU A 79 21.01 -13.67 -4.62
C GLU A 79 19.94 -12.69 -5.12
N ILE A 80 18.98 -13.20 -5.88
CA ILE A 80 17.85 -12.41 -6.34
C ILE A 80 16.61 -12.69 -5.50
N CYS A 81 16.14 -11.67 -4.79
CA CYS A 81 15.04 -11.85 -3.83
C CYS A 81 13.70 -11.54 -4.48
N PRO A 82 12.88 -12.57 -4.69
CA PRO A 82 11.56 -12.36 -5.28
C PRO A 82 10.75 -11.36 -4.45
N THR A 83 9.78 -10.73 -5.11
CA THR A 83 9.00 -9.64 -4.51
C THR A 83 7.86 -10.22 -3.69
N LEU A 84 7.69 -9.71 -2.47
CA LEU A 84 6.53 -10.08 -1.66
C LEU A 84 5.46 -9.00 -1.73
N ASP A 85 5.87 -7.75 -1.62
CA ASP A 85 4.92 -6.65 -1.57
C ASP A 85 5.61 -5.41 -2.13
N LEU A 86 4.81 -4.55 -2.74
CA LEU A 86 5.36 -3.31 -3.28
C LEU A 86 4.28 -2.23 -3.35
N ARG A 87 4.58 -1.08 -2.77
CA ARG A 87 3.77 0.10 -2.98
C ARG A 87 4.58 1.28 -3.51
N ILE A 88 4.03 1.93 -4.52
CA ILE A 88 4.56 3.16 -5.08
C ILE A 88 3.48 4.23 -5.03
N ASP A 89 3.81 5.37 -4.43
CA ASP A 89 2.88 6.49 -4.36
C ASP A 89 3.52 7.75 -4.93
N TYR A 90 2.92 8.28 -6.00
CA TYR A 90 3.45 9.45 -6.71
C TYR A 90 2.99 10.71 -6.01
N MSE A 91 3.94 11.61 -5.76
CA MSE A 91 3.69 12.88 -5.09
C MSE A 91 3.37 14.01 -6.07
O MSE A 91 2.59 14.91 -5.79
CB MSE A 91 4.91 13.27 -4.27
CG MSE A 91 5.32 12.21 -3.27
SE MSE A 91 3.92 12.01 -1.93
CE MSE A 91 3.23 10.25 -2.40
N HIS A 92 4.05 13.98 -7.21
CA HIS A 92 3.91 15.00 -8.24
C HIS A 92 4.56 14.48 -9.51
N PRO A 93 4.18 15.03 -10.67
CA PRO A 93 4.66 14.51 -11.95
C PRO A 93 6.14 14.79 -12.15
N ALA A 94 6.80 14.00 -12.99
CA ALA A 94 8.21 14.22 -13.32
C ALA A 94 8.40 15.47 -14.18
N GLU A 95 9.56 16.08 -14.08
CA GLU A 95 9.96 17.12 -15.03
C GLU A 95 10.43 16.51 -16.35
N PRO A 96 10.06 17.14 -17.46
CA PRO A 96 10.44 16.58 -18.75
C PRO A 96 11.87 16.93 -19.11
N HIS A 97 12.55 16.01 -19.79
CA HIS A 97 13.92 16.23 -20.27
C HIS A 97 14.97 16.08 -19.19
N LYS A 98 14.57 15.47 -18.06
CA LYS A 98 15.49 15.26 -16.95
C LYS A 98 15.55 13.79 -16.56
N ASP A 99 16.77 13.26 -16.47
CA ASP A 99 16.99 11.92 -15.95
C ASP A 99 16.28 11.75 -14.59
N VAL A 100 15.82 10.54 -14.33
CA VAL A 100 15.17 10.26 -13.05
C VAL A 100 16.06 9.31 -12.25
N TYR A 101 16.36 9.70 -11.02
CA TYR A 101 17.13 8.85 -10.12
C TYR A 101 16.21 8.13 -9.13
N GLY A 102 16.58 6.90 -8.79
CA GLY A 102 15.95 6.19 -7.69
C GLY A 102 16.94 5.88 -6.60
N PHE A 103 16.51 6.05 -5.36
CA PHE A 103 17.27 5.61 -4.18
C PHE A 103 16.41 4.69 -3.32
N ALA A 104 16.98 3.55 -2.93
CA ALA A 104 16.37 2.66 -1.95
C ALA A 104 17.37 2.26 -0.87
N GLU A 105 16.84 1.79 0.25
CA GLU A 105 17.62 1.54 1.46
C GLU A 105 16.89 0.54 2.36
N CYS A 106 17.45 -0.67 2.45
CA CYS A 106 16.94 -1.69 3.37
C CYS A 106 16.90 -1.15 4.79
N TYR A 107 15.75 -1.31 5.45
CA TYR A 107 15.56 -0.80 6.80
C TYR A 107 15.24 -1.89 7.83
N ARG A 108 15.00 -3.11 7.36
CA ARG A 108 14.84 -4.23 8.26
C ARG A 108 15.17 -5.53 7.56
N VAL A 109 15.85 -6.42 8.27
CA VAL A 109 16.23 -7.71 7.72
C VAL A 109 15.89 -8.79 8.72
N THR A 110 15.10 -9.76 8.32
CA THR A 110 14.82 -10.93 9.14
C THR A 110 15.41 -12.15 8.42
N PRO A 111 15.36 -13.33 9.05
CA PRO A 111 15.85 -14.53 8.39
C PRO A 111 15.42 -14.66 6.92
N ASN A 112 14.17 -14.30 6.62
CA ASN A 112 13.56 -14.66 5.34
C ASN A 112 13.02 -13.48 4.54
N VAL A 113 13.02 -12.30 5.14
CA VAL A 113 12.41 -11.12 4.52
C VAL A 113 13.28 -9.87 4.62
N ILE A 114 13.25 -9.03 3.60
CA ILE A 114 14.01 -7.77 3.63
C ILE A 114 13.05 -6.65 3.30
N PHE A 115 12.97 -5.66 4.16
CA PHE A 115 12.11 -4.51 3.94
C PHE A 115 12.94 -3.34 3.49
N THR A 116 12.47 -2.68 2.45
CA THR A 116 13.22 -1.61 1.81
C THR A 116 12.31 -0.43 1.53
N ARG A 117 12.90 0.76 1.47
CA ARG A 117 12.15 1.98 1.24
C ARG A 117 12.98 2.90 0.36
N GLY A 118 12.34 3.61 -0.57
CA GLY A 118 13.07 4.55 -1.39
C GLY A 118 12.17 5.59 -2.04
N PHE A 119 12.72 6.34 -2.97
CA PHE A 119 11.95 7.37 -3.66
C PHE A 119 12.58 7.63 -5.03
N ALA A 120 11.81 8.24 -5.92
CA ALA A 120 12.34 8.76 -7.16
C ALA A 120 12.47 10.27 -7.05
N TYR A 121 13.52 10.82 -7.64
CA TYR A 121 13.69 12.27 -7.67
C TYR A 121 14.44 12.71 -8.91
N GLN A 122 14.54 14.02 -9.09
CA GLN A 122 15.29 14.60 -10.21
C GLN A 122 16.36 15.59 -9.77
N ASP A 123 15.97 16.74 -9.25
CA ASP A 123 16.94 17.78 -8.87
C ASP A 123 17.47 17.58 -7.45
N ASP A 124 16.61 17.76 -6.46
CA ASP A 124 16.96 17.45 -5.07
C ASP A 124 16.09 16.32 -4.52
N PRO A 125 16.72 15.37 -3.80
CA PRO A 125 16.00 14.34 -3.06
C PRO A 125 14.96 14.91 -2.11
N GLY A 126 14.92 16.24 -1.99
CA GLY A 126 14.04 16.90 -1.04
C GLY A 126 12.57 16.79 -1.42
N GLN A 127 12.29 16.97 -2.71
CA GLN A 127 10.93 16.84 -3.23
C GLN A 127 10.85 15.68 -4.20
N PRO A 128 10.86 14.44 -3.69
CA PRO A 128 10.80 13.26 -4.56
C PRO A 128 9.52 13.18 -5.41
N ILE A 129 9.65 12.61 -6.61
CA ILE A 129 8.53 12.32 -7.49
C ILE A 129 7.55 11.33 -6.84
N ALA A 130 8.09 10.37 -6.10
CA ALA A 130 7.31 9.24 -5.62
C ALA A 130 8.03 8.50 -4.50
N HIS A 131 7.25 7.91 -3.60
CA HIS A 131 7.79 7.02 -2.58
C HIS A 131 7.44 5.56 -2.87
N VAL A 132 8.32 4.65 -2.47
CA VAL A 132 8.13 3.22 -2.70
C VAL A 132 8.60 2.44 -1.47
N VAL A 133 7.82 1.41 -1.11
CA VAL A 133 8.19 0.52 -0.03
C VAL A 133 7.90 -0.87 -0.52
N GLY A 134 8.82 -1.78 -0.26
CA GLY A 134 8.72 -3.14 -0.76
C GLY A 134 9.30 -4.12 0.23
N ALA A 135 8.76 -5.33 0.24
CA ALA A 135 9.35 -6.43 0.98
C ALA A 135 9.73 -7.51 -0.02
N PHE A 136 10.83 -8.20 0.28
CA PHE A 136 11.42 -9.16 -0.65
C PHE A 136 11.78 -10.45 0.07
N MSE A 137 11.41 -11.58 -0.50
CA MSE A 137 11.74 -12.88 0.06
C MSE A 137 13.18 -13.23 -0.28
O MSE A 137 13.55 -13.23 -1.45
CB MSE A 137 10.83 -13.93 -0.57
CG MSE A 137 11.13 -15.34 -0.13
SE MSE A 137 9.97 -15.79 1.36
CE MSE A 137 8.41 -16.45 0.35
N ARG A 138 13.93 -13.72 0.69
CA ARG A 138 15.09 -14.52 0.36
C ARG A 138 14.87 -15.98 0.72
N MSE A 139 14.84 -16.84 -0.30
CA MSE A 139 14.51 -18.25 -0.09
C MSE A 139 15.12 -19.12 -1.20
O MSE A 139 15.54 -18.58 -2.24
CB MSE A 139 12.99 -18.45 -0.02
CG MSE A 139 12.54 -19.89 0.28
SE MSE A 139 11.55 -20.76 -1.19
CE MSE A 139 13.05 -21.49 -2.25
N GLU B 3 -16.05 -4.32 -26.22
CA GLU B 3 -15.29 -5.58 -26.60
C GLU B 3 -14.34 -5.33 -27.78
N ASN B 4 -14.87 -5.29 -28.99
CA ASN B 4 -14.10 -4.80 -30.14
C ASN B 4 -13.64 -3.34 -30.12
N PRO B 5 -14.57 -2.38 -29.89
CA PRO B 5 -14.06 -1.02 -29.89
C PRO B 5 -13.13 -0.80 -28.71
N LEU B 6 -13.45 -1.40 -27.57
CA LEU B 6 -12.63 -1.21 -26.37
C LEU B 6 -11.32 -1.99 -26.48
N LEU B 7 -11.37 -3.10 -27.20
CA LEU B 7 -10.20 -3.94 -27.45
C LEU B 7 -9.24 -3.23 -28.38
N GLU B 8 -9.77 -2.61 -29.43
CA GLU B 8 -8.98 -1.86 -30.37
C GLU B 8 -8.25 -0.74 -29.66
N ARG B 9 -8.99 0.01 -28.85
CA ARG B 9 -8.41 1.07 -28.05
C ARG B 9 -7.32 0.54 -27.12
N ALA B 10 -7.65 -0.50 -26.35
CA ALA B 10 -6.70 -1.06 -25.40
C ALA B 10 -5.42 -1.43 -26.13
N ARG B 11 -5.56 -1.99 -27.33
CA ARG B 11 -4.38 -2.45 -28.09
C ARG B 11 -3.53 -1.30 -28.61
N ARG B 12 -4.17 -0.29 -29.18
CA ARG B 12 -3.51 0.96 -29.56
C ARG B 12 -2.79 1.61 -28.37
N PHE B 13 -3.49 1.68 -27.24
CA PHE B 13 -2.91 2.12 -25.97
C PHE B 13 -1.61 1.36 -25.63
N LEU B 14 -1.69 0.02 -25.63
CA LEU B 14 -0.52 -0.82 -25.31
C LEU B 14 0.68 -0.56 -26.25
N SER B 15 0.38 -0.34 -27.53
CA SER B 15 1.43 -0.12 -28.53
C SER B 15 2.25 1.16 -28.29
N ALA B 16 1.70 2.10 -27.54
CA ALA B 16 2.44 3.32 -27.23
C ALA B 16 3.49 3.09 -26.12
N LEU B 17 3.36 1.98 -25.41
CA LEU B 17 4.20 1.75 -24.23
C LEU B 17 5.48 1.05 -24.65
N ARG B 18 6.34 1.78 -25.35
CA ARG B 18 7.37 1.16 -26.18
C ARG B 18 8.44 0.51 -25.31
N HIS B 19 8.65 1.08 -24.12
CA HIS B 19 9.77 0.69 -23.28
C HIS B 19 9.57 -0.71 -22.69
N CYS B 20 8.35 -1.21 -22.79
CA CYS B 20 8.04 -2.52 -22.27
C CYS B 20 7.57 -3.47 -23.37
N GLN B 21 7.65 -3.02 -24.62
CA GLN B 21 7.21 -3.83 -25.76
C GLN B 21 8.09 -5.06 -25.88
N VAL B 22 9.21 -5.03 -25.17
CA VAL B 22 10.19 -6.10 -25.15
C VAL B 22 9.69 -7.30 -24.36
N LEU B 23 8.67 -7.07 -23.56
CA LEU B 23 8.02 -8.08 -22.72
C LEU B 23 6.98 -8.89 -23.49
N GLY B 24 6.62 -8.44 -24.69
CA GLY B 24 5.65 -9.17 -25.51
C GLY B 24 4.24 -9.13 -24.93
N LEU B 25 3.93 -8.10 -24.16
CA LEU B 25 2.64 -8.01 -23.48
C LEU B 25 1.55 -7.92 -24.56
N THR B 26 0.46 -8.67 -24.38
CA THR B 26 -0.69 -8.58 -25.29
C THR B 26 -2.00 -8.37 -24.53
N VAL B 27 -2.99 -7.77 -25.21
CA VAL B 27 -4.34 -7.67 -24.67
C VAL B 27 -5.16 -8.85 -25.14
N GLU B 28 -5.66 -9.63 -24.19
CA GLU B 28 -6.43 -10.81 -24.52
C GLU B 28 -7.94 -10.51 -24.65
N ALA B 29 -8.42 -9.62 -23.80
CA ALA B 29 -9.84 -9.28 -23.79
C ALA B 29 -10.02 -7.92 -23.13
N ALA B 30 -11.01 -7.16 -23.61
CA ALA B 30 -11.36 -5.87 -23.04
C ALA B 30 -12.85 -5.64 -23.27
N ASP B 31 -13.54 -5.14 -22.25
CA ASP B 31 -14.92 -4.79 -22.39
C ASP B 31 -15.37 -4.01 -21.18
N GLU B 32 -16.66 -3.72 -21.12
CA GLU B 32 -17.19 -2.82 -20.11
C GLU B 32 -16.84 -3.32 -18.72
N LYS B 33 -16.66 -4.63 -18.57
CA LYS B 33 -16.46 -5.23 -17.26
C LYS B 33 -14.99 -5.36 -16.83
N GLY B 34 -14.06 -5.15 -17.76
CA GLY B 34 -12.65 -5.20 -17.41
C GLY B 34 -11.72 -5.61 -18.53
N LEU B 35 -10.48 -5.89 -18.16
CA LEU B 35 -9.39 -5.96 -19.12
C LEU B 35 -8.40 -7.07 -18.72
N THR B 36 -8.02 -7.90 -19.68
CA THR B 36 -7.04 -8.96 -19.48
C THR B 36 -5.84 -8.81 -20.41
N LEU B 37 -4.66 -8.74 -19.81
CA LEU B 37 -3.41 -8.78 -20.56
C LEU B 37 -2.72 -10.10 -20.30
N ARG B 38 -1.74 -10.41 -21.14
CA ARG B 38 -0.89 -11.54 -20.94
C ARG B 38 0.59 -11.16 -21.08
N LEU B 39 1.42 -11.70 -20.17
CA LEU B 39 2.86 -11.68 -20.30
C LEU B 39 3.37 -13.09 -20.64
N PRO B 40 3.91 -13.28 -21.86
CA PRO B 40 4.53 -14.56 -22.22
C PRO B 40 5.80 -14.82 -21.42
N TYR B 41 5.91 -15.98 -20.79
CA TYR B 41 6.97 -16.20 -19.81
C TYR B 41 8.39 -16.12 -20.38
N SER B 42 8.56 -16.53 -21.64
CA SER B 42 9.88 -16.56 -22.25
C SER B 42 10.53 -15.18 -22.28
N GLN B 43 9.72 -14.14 -22.17
CA GLN B 43 10.21 -12.77 -22.37
C GLN B 43 10.65 -12.08 -21.07
N ALA B 44 10.54 -12.81 -19.96
CA ALA B 44 10.73 -12.22 -18.63
C ALA B 44 11.56 -13.10 -17.70
N ILE B 45 12.27 -14.08 -18.25
CA ILE B 45 13.03 -15.02 -17.44
C ILE B 45 14.15 -14.29 -16.71
N ILE B 46 14.38 -14.69 -15.46
CA ILE B 46 15.52 -14.18 -14.71
C ILE B 46 16.39 -15.36 -14.24
N GLY B 47 17.71 -15.26 -14.48
CA GLY B 47 18.57 -16.44 -14.51
C GLY B 47 18.44 -17.23 -15.81
N ASN B 48 18.54 -18.56 -15.69
CA ASN B 48 18.68 -19.46 -16.85
C ASN B 48 17.36 -19.67 -17.60
N PRO B 49 17.34 -19.42 -18.92
CA PRO B 49 16.12 -19.62 -19.72
C PRO B 49 15.54 -21.03 -19.58
N GLU B 50 16.41 -22.00 -19.24
CA GLU B 50 16.00 -23.39 -19.10
C GLU B 50 15.06 -23.58 -17.91
N SER B 51 15.06 -22.61 -16.98
CA SER B 51 14.42 -22.76 -15.67
C SER B 51 13.03 -22.10 -15.58
N GLY B 52 12.69 -21.32 -16.61
CA GLY B 52 11.32 -20.83 -16.80
C GLY B 52 10.77 -19.90 -15.71
N VAL B 53 11.66 -19.34 -14.91
CA VAL B 53 11.25 -18.47 -13.80
C VAL B 53 11.04 -17.02 -14.25
N VAL B 54 9.84 -16.51 -13.98
CA VAL B 54 9.48 -15.14 -14.33
C VAL B 54 9.93 -14.13 -13.27
N HIS B 55 10.57 -13.06 -13.75
CA HIS B 55 11.01 -11.97 -12.88
C HIS B 55 9.81 -11.20 -12.31
N GLY B 56 9.86 -10.94 -11.00
CA GLY B 56 8.82 -10.18 -10.32
C GLY B 56 8.56 -8.83 -10.94
N GLY B 57 9.62 -8.15 -11.38
CA GLY B 57 9.47 -6.82 -11.99
C GLY B 57 8.72 -6.82 -13.31
N ALA B 58 8.77 -7.94 -14.01
CA ALA B 58 7.94 -8.15 -15.20
C ALA B 58 6.46 -8.13 -14.86
N ILE B 59 6.09 -8.84 -13.79
CA ILE B 59 4.71 -8.90 -13.34
C ILE B 59 4.20 -7.58 -12.80
N THR B 60 5.08 -6.78 -12.21
CA THR B 60 4.74 -5.39 -11.88
C THR B 60 4.32 -4.62 -13.11
N THR B 61 5.18 -4.63 -14.13
CA THR B 61 4.86 -3.97 -15.37
C THR B 61 3.54 -4.47 -15.91
N LEU B 62 3.36 -5.79 -15.94
CA LEU B 62 2.12 -6.39 -16.45
C LEU B 62 0.95 -5.76 -15.73
N MSE B 63 1.10 -5.56 -14.43
N MSE B 63 1.05 -5.64 -14.42
CA MSE B 63 -0.03 -5.24 -13.57
CA MSE B 63 -0.10 -5.23 -13.62
C MSE B 63 -0.25 -3.75 -13.39
C MSE B 63 -0.27 -3.72 -13.53
O MSE B 63 -1.39 -3.28 -13.32
O MSE B 63 -1.37 -3.20 -13.73
CB MSE B 63 0.16 -5.89 -12.19
CB MSE B 63 -0.05 -5.84 -12.22
CG MSE B 63 0.04 -7.39 -12.23
CG MSE B 63 -0.48 -7.29 -12.18
SE MSE B 63 -1.59 -8.01 -13.08
SE MSE B 63 0.58 -8.20 -10.84
CE MSE B 63 -2.89 -6.75 -12.34
CE MSE B 63 -0.79 -8.41 -9.44
N ASP B 64 0.84 -2.99 -13.37
CA ASP B 64 0.78 -1.56 -13.61
C ASP B 64 0.13 -1.23 -14.94
N THR B 65 0.60 -1.89 -16.00
CA THR B 65 0.04 -1.70 -17.36
C THR B 65 -1.42 -2.11 -17.47
N THR B 66 -1.74 -3.29 -16.97
CA THR B 66 -3.12 -3.75 -16.95
C THR B 66 -4.08 -2.75 -16.28
N CYS B 67 -3.77 -2.33 -15.04
CA CYS B 67 -4.58 -1.33 -14.35
C CYS B 67 -4.70 -0.02 -15.12
N GLY B 68 -3.57 0.50 -15.58
CA GLY B 68 -3.59 1.71 -16.40
C GLY B 68 -4.54 1.58 -17.58
N ILE B 69 -4.44 0.48 -18.31
CA ILE B 69 -5.18 0.37 -19.55
C ILE B 69 -6.66 0.06 -19.32
N SER B 70 -6.96 -0.50 -18.16
CA SER B 70 -8.35 -0.83 -17.82
C SER B 70 -9.21 0.40 -17.64
N THR B 71 -8.59 1.57 -17.58
CA THR B 71 -9.34 2.83 -17.58
C THR B 71 -10.13 3.00 -18.87
N VAL B 72 -9.71 2.32 -19.95
CA VAL B 72 -10.40 2.44 -21.24
C VAL B 72 -11.83 1.93 -21.06
N CYS B 73 -12.04 1.12 -20.03
CA CYS B 73 -13.32 0.47 -19.86
C CYS B 73 -14.35 1.45 -19.38
N VAL B 74 -13.90 2.57 -18.84
CA VAL B 74 -14.82 3.54 -18.26
C VAL B 74 -14.80 4.91 -18.91
N LEU B 75 -13.75 5.20 -19.68
CA LEU B 75 -13.62 6.50 -20.28
C LEU B 75 -14.26 6.52 -21.65
N PRO B 76 -15.03 7.58 -21.94
CA PRO B 76 -15.63 7.75 -23.26
C PRO B 76 -14.60 8.01 -24.35
N ASP B 77 -13.56 8.76 -24.03
CA ASP B 77 -12.53 9.06 -25.00
C ASP B 77 -11.21 8.37 -24.69
N PHE B 78 -10.45 8.05 -25.72
CA PHE B 78 -9.10 7.54 -25.55
C PHE B 78 -8.26 8.57 -24.82
N GLU B 79 -7.66 8.15 -23.71
CA GLU B 79 -6.61 8.93 -23.09
C GLU B 79 -5.69 8.05 -22.24
N ILE B 80 -4.47 8.52 -22.04
CA ILE B 80 -3.50 7.81 -21.21
C ILE B 80 -3.44 8.45 -19.83
N CYS B 81 -3.72 7.65 -18.80
CA CYS B 81 -3.93 8.14 -17.44
C CYS B 81 -2.74 7.77 -16.55
N PRO B 82 -1.98 8.79 -16.11
CA PRO B 82 -0.82 8.58 -15.23
C PRO B 82 -1.17 7.90 -13.91
N THR B 83 -0.32 6.95 -13.51
CA THR B 83 -0.42 6.25 -12.22
C THR B 83 -0.22 7.23 -11.07
N LEU B 84 -1.13 7.18 -10.10
CA LEU B 84 -0.99 7.94 -8.85
C LEU B 84 -0.46 7.06 -7.71
N ASP B 85 -0.96 5.82 -7.65
CA ASP B 85 -0.66 4.90 -6.55
C ASP B 85 -0.84 3.47 -7.06
N LEU B 86 0.11 2.62 -6.71
CA LEU B 86 0.01 1.20 -7.04
C LEU B 86 0.43 0.38 -5.85
N ARG B 87 -0.40 -0.59 -5.46
CA ARG B 87 0.10 -1.66 -4.64
C ARG B 87 -0.11 -3.05 -5.22
N ILE B 88 0.96 -3.84 -5.17
CA ILE B 88 0.98 -5.23 -5.58
C ILE B 88 1.42 -6.06 -4.39
N ASP B 89 0.66 -7.11 -4.08
CA ASP B 89 0.96 -7.98 -2.95
C ASP B 89 0.90 -9.42 -3.42
N TYR B 90 2.06 -10.07 -3.44
CA TYR B 90 2.19 -11.43 -3.94
C TYR B 90 1.70 -12.43 -2.89
N MSE B 91 0.78 -13.30 -3.32
CA MSE B 91 0.22 -14.32 -2.46
C MSE B 91 1.14 -15.53 -2.47
O MSE B 91 1.28 -16.22 -1.46
CB MSE B 91 -1.14 -14.75 -2.98
CG MSE B 91 -2.20 -13.66 -2.95
SE MSE B 91 -2.43 -12.91 -1.15
CE MSE B 91 -1.53 -11.19 -1.43
N HIS B 92 1.62 -15.88 -3.65
CA HIS B 92 2.47 -17.05 -3.81
C HIS B 92 3.26 -16.92 -5.08
N PRO B 93 4.38 -17.65 -5.16
CA PRO B 93 5.29 -17.51 -6.29
C PRO B 93 4.64 -17.99 -7.58
N ALA B 94 4.97 -17.34 -8.69
CA ALA B 94 4.51 -17.82 -9.99
C ALA B 94 5.07 -19.21 -10.29
N GLU B 95 4.29 -20.03 -11.01
CA GLU B 95 4.81 -21.30 -11.54
C GLU B 95 5.72 -21.05 -12.72
N PRO B 96 6.83 -21.79 -12.80
CA PRO B 96 7.74 -21.63 -13.94
C PRO B 96 7.15 -22.18 -15.24
N HIS B 97 7.65 -21.68 -16.37
CA HIS B 97 7.23 -22.14 -17.69
C HIS B 97 5.74 -21.99 -17.95
N LYS B 98 5.14 -20.95 -17.37
CA LYS B 98 3.72 -20.66 -17.61
C LYS B 98 3.50 -19.17 -17.80
N ASP B 99 2.74 -18.82 -18.84
CA ASP B 99 2.39 -17.42 -19.07
C ASP B 99 1.67 -16.83 -17.86
N VAL B 100 1.88 -15.53 -17.62
CA VAL B 100 1.15 -14.82 -16.56
C VAL B 100 0.09 -13.89 -17.14
N TYR B 101 -1.13 -14.02 -16.63
CA TYR B 101 -2.22 -13.15 -17.01
C TYR B 101 -2.48 -12.08 -15.98
N GLY B 102 -2.81 -10.88 -16.43
CA GLY B 102 -3.24 -9.83 -15.52
C GLY B 102 -4.65 -9.47 -15.86
N PHE B 103 -5.49 -9.30 -14.84
CA PHE B 103 -6.83 -8.76 -15.02
C PHE B 103 -7.03 -7.54 -14.13
N ALA B 104 -7.71 -6.52 -14.64
CA ALA B 104 -8.13 -5.40 -13.81
C ALA B 104 -9.51 -4.86 -14.19
N GLU B 105 -10.14 -4.21 -13.24
CA GLU B 105 -11.47 -3.68 -13.43
C GLU B 105 -11.55 -2.38 -12.62
N CYS B 106 -11.98 -1.28 -13.25
CA CYS B 106 -12.26 -0.03 -12.53
C CYS B 106 -13.43 -0.18 -11.57
N TYR B 107 -13.26 0.22 -10.32
CA TYR B 107 -14.31 0.07 -9.32
C TYR B 107 -14.80 1.43 -8.78
N ARG B 108 -14.05 2.49 -9.06
CA ARG B 108 -14.52 3.85 -8.78
C ARG B 108 -13.95 4.87 -9.74
N VAL B 109 -14.81 5.78 -10.19
CA VAL B 109 -14.44 6.86 -11.09
C VAL B 109 -14.92 8.18 -10.49
N THR B 110 -13.97 9.07 -10.21
CA THR B 110 -14.30 10.46 -9.88
C THR B 110 -13.95 11.35 -11.08
N PRO B 111 -14.28 12.65 -11.01
CA PRO B 111 -13.99 13.53 -12.13
C PRO B 111 -12.54 13.52 -12.61
N ASN B 112 -11.58 13.32 -11.70
CA ASN B 112 -10.16 13.33 -12.10
C ASN B 112 -9.33 12.10 -11.70
N VAL B 113 -9.96 11.12 -11.06
CA VAL B 113 -9.25 9.95 -10.60
C VAL B 113 -10.05 8.69 -10.91
N ILE B 114 -9.36 7.66 -11.38
CA ILE B 114 -9.95 6.32 -11.54
C ILE B 114 -9.22 5.32 -10.68
N PHE B 115 -10.01 4.54 -9.94
CA PHE B 115 -9.49 3.54 -9.02
C PHE B 115 -9.81 2.16 -9.58
N THR B 116 -8.82 1.27 -9.50
CA THR B 116 -8.94 0.02 -10.21
C THR B 116 -8.30 -1.10 -9.40
N ARG B 117 -8.90 -2.29 -9.48
CA ARG B 117 -8.41 -3.43 -8.75
C ARG B 117 -8.26 -4.58 -9.74
N GLY B 118 -7.27 -5.44 -9.52
CA GLY B 118 -7.04 -6.59 -10.38
C GLY B 118 -6.10 -7.60 -9.74
N PHE B 119 -5.62 -8.54 -10.54
CA PHE B 119 -4.79 -9.61 -9.98
C PHE B 119 -4.00 -10.27 -11.10
N ALA B 120 -2.83 -10.82 -10.75
CA ALA B 120 -2.12 -11.73 -11.63
C ALA B 120 -2.46 -13.19 -11.34
N TYR B 121 -2.41 -14.01 -12.38
CA TYR B 121 -2.70 -15.43 -12.24
C TYR B 121 -2.12 -16.17 -13.43
N GLN B 122 -2.12 -17.50 -13.36
CA GLN B 122 -1.56 -18.29 -14.45
C GLN B 122 -2.58 -19.24 -15.03
N ASP B 123 -2.97 -20.25 -14.27
CA ASP B 123 -3.85 -21.28 -14.81
C ASP B 123 -5.30 -20.83 -14.76
N ASP B 124 -5.83 -20.72 -13.55
CA ASP B 124 -7.15 -20.13 -13.37
C ASP B 124 -7.13 -18.97 -12.37
N PRO B 125 -7.99 -17.98 -12.59
CA PRO B 125 -8.09 -16.78 -11.75
C PRO B 125 -8.31 -17.12 -10.29
N GLY B 126 -8.47 -18.41 -9.98
CA GLY B 126 -8.98 -18.82 -8.69
C GLY B 126 -7.98 -18.58 -7.57
N GLN B 127 -6.72 -18.93 -7.82
CA GLN B 127 -5.67 -18.78 -6.83
C GLN B 127 -4.62 -17.83 -7.36
N PRO B 128 -4.93 -16.53 -7.36
CA PRO B 128 -4.08 -15.57 -8.04
C PRO B 128 -2.70 -15.46 -7.39
N ILE B 129 -1.72 -15.08 -8.20
CA ILE B 129 -0.35 -14.91 -7.77
C ILE B 129 -0.21 -13.66 -6.89
N ALA B 130 -0.95 -12.62 -7.25
CA ALA B 130 -0.76 -11.29 -6.64
C ALA B 130 -2.05 -10.50 -6.77
N HIS B 131 -2.36 -9.70 -5.75
CA HIS B 131 -3.44 -8.73 -5.80
C HIS B 131 -2.88 -7.34 -6.00
N VAL B 132 -3.64 -6.49 -6.70
CA VAL B 132 -3.16 -5.17 -7.11
C VAL B 132 -4.30 -4.18 -7.01
N VAL B 133 -3.99 -2.97 -6.52
CA VAL B 133 -4.94 -1.86 -6.53
C VAL B 133 -4.16 -0.63 -6.95
N GLY B 134 -4.72 0.14 -7.87
CA GLY B 134 -4.07 1.38 -8.27
C GLY B 134 -5.06 2.51 -8.49
N ALA B 135 -4.54 3.73 -8.55
CA ALA B 135 -5.34 4.91 -8.81
C ALA B 135 -4.67 5.69 -9.91
N PHE B 136 -5.47 6.30 -10.77
CA PHE B 136 -4.96 6.86 -12.00
C PHE B 136 -5.54 8.23 -12.21
N MSE B 137 -4.76 9.12 -12.81
CA MSE B 137 -5.18 10.49 -12.99
C MSE B 137 -5.77 10.72 -14.37
O MSE B 137 -5.10 10.50 -15.37
CB MSE B 137 -3.98 11.41 -12.79
CG MSE B 137 -4.27 12.86 -13.06
SE MSE B 137 -4.79 13.78 -11.44
CE MSE B 137 -3.11 14.71 -11.08
N ARG B 138 -7.05 11.10 -14.43
CA ARG B 138 -7.61 11.63 -15.67
C ARG B 138 -7.05 13.01 -15.93
N MSE B 139 -6.18 13.12 -16.92
CA MSE B 139 -5.61 14.42 -17.29
C MSE B 139 -6.58 15.32 -18.07
O MSE B 139 -7.59 14.88 -18.62
CB MSE B 139 -4.30 14.23 -18.07
CG MSE B 139 -3.18 13.58 -17.27
SE MSE B 139 -2.80 14.48 -15.55
CE MSE B 139 -2.88 16.38 -16.13
N PRO C 5 -8.14 28.61 14.63
CA PRO C 5 -9.26 28.83 13.69
C PRO C 5 -9.42 27.66 12.70
N LEU C 6 -8.41 27.44 11.86
CA LEU C 6 -8.13 26.12 11.33
C LEU C 6 -7.94 25.10 12.47
N LEU C 7 -7.18 25.51 13.49
CA LEU C 7 -6.97 24.73 14.70
C LEU C 7 -8.29 24.33 15.38
N GLU C 8 -9.25 25.24 15.44
CA GLU C 8 -10.51 24.96 16.09
C GLU C 8 -11.29 23.90 15.33
N ARG C 9 -11.20 23.96 14.01
CA ARG C 9 -11.83 22.99 13.13
C ARG C 9 -11.26 21.60 13.36
N ALA C 10 -9.92 21.52 13.37
CA ALA C 10 -9.23 20.28 13.68
C ALA C 10 -9.75 19.64 14.97
N ARG C 11 -9.97 20.46 16.00
CA ARG C 11 -10.40 19.97 17.32
C ARG C 11 -11.86 19.49 17.34
N ARG C 12 -12.73 20.25 16.68
CA ARG C 12 -14.13 19.85 16.47
C ARG C 12 -14.22 18.48 15.82
N PHE C 13 -13.44 18.30 14.76
CA PHE C 13 -13.39 17.05 14.00
C PHE C 13 -12.93 15.93 14.90
N LEU C 14 -11.88 16.19 15.67
CA LEU C 14 -11.32 15.19 16.58
C LEU C 14 -12.31 14.79 17.66
N SER C 15 -13.15 15.74 18.07
CA SER C 15 -14.09 15.50 19.19
C SER C 15 -15.28 14.67 18.75
N ALA C 16 -15.61 14.75 17.46
CA ALA C 16 -16.62 13.91 16.84
C ALA C 16 -16.23 12.43 16.88
N LEU C 17 -14.93 12.17 16.82
CA LEU C 17 -14.44 10.79 16.74
C LEU C 17 -14.58 10.08 18.08
N ARG C 18 -15.80 9.63 18.37
CA ARG C 18 -16.19 9.27 19.74
C ARG C 18 -15.38 8.09 20.27
N HIS C 19 -14.72 7.39 19.36
CA HIS C 19 -14.07 6.12 19.71
C HIS C 19 -12.58 6.25 19.95
N CYS C 20 -11.96 7.29 19.37
CA CYS C 20 -10.60 7.69 19.73
C CYS C 20 -10.57 8.30 21.11
N GLN C 21 -11.75 8.67 21.61
CA GLN C 21 -11.82 9.46 22.81
C GLN C 21 -10.98 8.81 23.89
N VAL C 22 -10.99 7.47 23.90
CA VAL C 22 -10.26 6.67 24.88
C VAL C 22 -8.76 6.95 24.90
N LEU C 23 -8.23 7.34 23.73
CA LEU C 23 -6.78 7.52 23.55
C LEU C 23 -6.27 8.88 24.03
N GLY C 24 -7.16 9.82 24.32
CA GLY C 24 -6.76 11.16 24.78
C GLY C 24 -5.98 11.93 23.73
N LEU C 25 -6.29 11.66 22.47
CA LEU C 25 -5.67 12.35 21.35
C LEU C 25 -5.94 13.84 21.43
N THR C 26 -4.94 14.66 21.10
CA THR C 26 -5.13 16.11 21.04
C THR C 26 -4.50 16.63 19.76
N VAL C 27 -5.01 17.75 19.26
CA VAL C 27 -4.38 18.47 18.17
C VAL C 27 -3.34 19.44 18.69
N GLU C 28 -2.10 19.25 18.25
CA GLU C 28 -0.96 19.98 18.77
C GLU C 28 -0.72 21.25 17.95
N ALA C 29 -0.94 21.17 16.64
CA ALA C 29 -0.84 22.33 15.77
C ALA C 29 -1.58 22.05 14.47
N ALA C 30 -1.90 23.11 13.73
CA ALA C 30 -2.65 22.98 12.47
C ALA C 30 -2.54 24.28 11.68
N ASP C 31 -1.83 24.24 10.55
CA ASP C 31 -1.79 25.38 9.64
C ASP C 31 -2.05 24.95 8.20
N GLU C 32 -1.67 25.80 7.24
CA GLU C 32 -1.79 25.46 5.84
C GLU C 32 -0.83 24.33 5.47
N LYS C 33 0.35 24.34 6.11
CA LYS C 33 1.40 23.38 5.79
C LYS C 33 1.15 21.96 6.33
N GLY C 34 0.31 21.84 7.36
CA GLY C 34 -0.26 20.53 7.75
C GLY C 34 -0.81 20.46 9.17
N LEU C 35 -0.73 19.27 9.75
CA LEU C 35 -1.42 18.97 11.02
C LEU C 35 -0.56 18.05 11.87
N THR C 36 -0.43 18.39 13.15
CA THR C 36 0.21 17.50 14.13
C THR C 36 -0.76 17.14 15.26
N LEU C 37 -1.03 15.84 15.39
CA LEU C 37 -1.71 15.33 16.57
C LEU C 37 -0.76 14.73 17.60
N ARG C 38 -1.27 14.46 18.78
CA ARG C 38 -0.49 13.81 19.81
C ARG C 38 -1.25 12.64 20.44
N LEU C 39 -0.57 11.51 20.59
CA LEU C 39 -1.04 10.40 21.42
C LEU C 39 -0.29 10.34 22.75
N PRO C 40 -0.96 10.59 23.88
CA PRO C 40 -0.17 10.47 25.09
C PRO C 40 0.01 9.00 25.45
N TYR C 41 1.20 8.63 25.89
CA TYR C 41 1.55 7.23 25.95
C TYR C 41 0.78 6.49 27.05
N SER C 42 0.35 7.21 28.08
CA SER C 42 -0.36 6.59 29.18
C SER C 42 -1.72 6.04 28.75
N GLN C 43 -2.17 6.44 27.57
CA GLN C 43 -3.52 6.08 27.12
C GLN C 43 -3.53 4.92 26.13
N ALA C 44 -2.34 4.44 25.79
CA ALA C 44 -2.20 3.40 24.76
C ALA C 44 -1.30 2.23 25.20
N ILE C 45 -1.32 1.92 26.49
CA ILE C 45 -0.36 0.96 27.06
C ILE C 45 -0.76 -0.48 26.78
N ILE C 46 0.23 -1.27 26.35
CA ILE C 46 0.10 -2.73 26.32
C ILE C 46 0.96 -3.34 27.42
N GLY C 47 0.34 -4.14 28.29
CA GLY C 47 1.04 -4.73 29.44
C GLY C 47 1.01 -3.87 30.70
N ASN C 48 2.08 -3.94 31.48
CA ASN C 48 2.17 -3.18 32.73
C ASN C 48 2.25 -1.69 32.44
N PRO C 49 1.36 -0.90 33.08
CA PRO C 49 1.41 0.54 32.86
C PRO C 49 2.74 1.16 33.29
N GLU C 50 3.42 0.53 34.24
CA GLU C 50 4.68 1.11 34.68
C GLU C 50 5.77 0.90 33.63
N SER C 51 5.47 0.10 32.61
CA SER C 51 6.46 -0.25 31.59
C SER C 51 6.38 0.69 30.38
N GLY C 52 5.28 1.40 30.25
CA GLY C 52 5.15 2.52 29.32
C GLY C 52 5.27 2.14 27.85
N VAL C 53 4.99 0.88 27.54
CA VAL C 53 5.05 0.41 26.15
C VAL C 53 3.78 0.80 25.39
N VAL C 54 3.95 1.53 24.30
CA VAL C 54 2.82 2.00 23.50
C VAL C 54 2.34 0.90 22.56
N HIS C 55 1.03 0.73 22.49
CA HIS C 55 0.44 -0.28 21.63
C HIS C 55 0.46 0.17 20.17
N GLY C 56 0.91 -0.70 19.28
CA GLY C 56 1.00 -0.37 17.86
C GLY C 56 -0.34 0.07 17.30
N GLY C 57 -1.41 -0.55 17.77
CA GLY C 57 -2.74 -0.25 17.25
C GLY C 57 -3.17 1.17 17.52
N ALA C 58 -2.74 1.73 18.66
CA ALA C 58 -3.01 3.12 19.01
C ALA C 58 -2.33 4.09 18.04
N ILE C 59 -1.10 3.76 17.68
CA ILE C 59 -0.34 4.54 16.73
C ILE C 59 -0.95 4.49 15.33
N THR C 60 -1.51 3.34 14.97
CA THR C 60 -2.20 3.22 13.69
C THR C 60 -3.44 4.09 13.67
N THR C 61 -4.18 4.09 14.78
CA THR C 61 -5.29 5.00 14.95
C THR C 61 -4.78 6.44 14.85
N LEU C 62 -3.68 6.74 15.51
CA LEU C 62 -3.14 8.10 15.53
C LEU C 62 -2.88 8.57 14.10
N MSE C 63 -2.27 7.71 13.31
N MSE C 63 -2.28 7.69 13.31
CA MSE C 63 -1.85 8.09 11.97
CA MSE C 63 -1.82 8.07 11.97
C MSE C 63 -3.05 8.21 11.04
C MSE C 63 -3.01 8.16 11.00
O MSE C 63 -3.21 9.21 10.32
O MSE C 63 -3.08 9.08 10.18
CB MSE C 63 -0.86 7.07 11.43
CB MSE C 63 -0.79 7.05 11.47
CG MSE C 63 0.50 7.11 12.10
CG MSE C 63 0.68 7.53 11.46
SE MSE C 63 1.84 6.17 11.07
SE MSE C 63 1.02 9.29 12.26
CE MSE C 63 1.20 4.36 11.37
CE MSE C 63 0.69 10.41 10.70
N ASP C 64 -3.97 7.28 11.18
CA ASP C 64 -5.22 7.31 10.43
C ASP C 64 -6.00 8.58 10.74
N THR C 65 -6.16 8.88 12.03
CA THR C 65 -6.87 10.08 12.47
C THR C 65 -6.18 11.36 11.95
N THR C 66 -4.85 11.38 12.00
CA THR C 66 -4.10 12.55 11.56
C THR C 66 -4.30 12.81 10.06
N CYS C 67 -4.22 11.75 9.26
CA CYS C 67 -4.50 11.84 7.82
C CYS C 67 -5.92 12.29 7.55
N GLY C 68 -6.89 11.64 8.19
CA GLY C 68 -8.30 11.99 8.01
C GLY C 68 -8.65 13.42 8.36
N ILE C 69 -7.94 14.00 9.32
CA ILE C 69 -8.27 15.34 9.80
C ILE C 69 -7.42 16.39 9.11
N SER C 70 -6.27 15.97 8.59
CA SER C 70 -5.42 16.88 7.82
C SER C 70 -6.16 17.50 6.64
N THR C 71 -7.33 16.97 6.32
CA THR C 71 -8.11 17.48 5.20
C THR C 71 -8.68 18.86 5.51
N VAL C 72 -8.61 19.26 6.78
CA VAL C 72 -9.05 20.59 7.19
C VAL C 72 -8.09 21.66 6.72
N CYS C 73 -6.86 21.28 6.45
CA CYS C 73 -5.85 22.22 5.95
C CYS C 73 -6.19 22.78 4.56
N VAL C 74 -7.01 22.06 3.80
CA VAL C 74 -7.29 22.45 2.41
C VAL C 74 -8.78 22.69 2.13
N LEU C 75 -9.63 22.34 3.08
CA LEU C 75 -11.06 22.45 2.89
C LEU C 75 -11.57 23.76 3.47
N PRO C 76 -12.38 24.50 2.70
CA PRO C 76 -12.88 25.81 3.12
C PRO C 76 -13.63 25.73 4.43
N ASP C 77 -14.66 24.88 4.49
CA ASP C 77 -15.46 24.75 5.69
C ASP C 77 -15.50 23.31 6.18
N PHE C 78 -15.96 23.10 7.40
CA PHE C 78 -15.91 21.78 8.02
C PHE C 78 -16.52 20.68 7.17
N GLU C 79 -15.79 19.57 7.05
CA GLU C 79 -16.29 18.37 6.39
C GLU C 79 -15.48 17.16 6.82
N ILE C 80 -16.17 16.04 7.01
CA ILE C 80 -15.52 14.78 7.31
C ILE C 80 -15.41 13.91 6.05
N CYS C 81 -14.19 13.72 5.57
CA CYS C 81 -13.97 13.04 4.30
C CYS C 81 -13.75 11.54 4.51
N PRO C 82 -14.64 10.71 3.98
CA PRO C 82 -14.53 9.26 4.06
C PRO C 82 -13.20 8.72 3.52
N THR C 83 -12.73 7.61 4.08
CA THR C 83 -11.49 6.99 3.63
C THR C 83 -11.65 6.25 2.31
N LEU C 84 -10.76 6.53 1.36
CA LEU C 84 -10.67 5.72 0.14
C LEU C 84 -9.58 4.66 0.25
N ASP C 85 -8.42 5.04 0.78
CA ASP C 85 -7.34 4.08 0.96
C ASP C 85 -6.35 4.57 2.01
N LEU C 86 -5.68 3.61 2.64
CA LEU C 86 -4.69 3.89 3.68
C LEU C 86 -3.50 2.97 3.44
N ARG C 87 -2.29 3.52 3.54
CA ARG C 87 -1.07 2.72 3.53
C ARG C 87 -0.27 3.09 4.78
N ILE C 88 -0.02 2.10 5.64
CA ILE C 88 0.77 2.29 6.84
C ILE C 88 1.97 1.33 6.89
N ASP C 89 3.17 1.87 7.04
CA ASP C 89 4.37 1.06 7.17
C ASP C 89 5.18 1.46 8.37
N TYR C 90 5.54 0.47 9.19
CA TYR C 90 6.33 0.69 10.40
C TYR C 90 7.82 0.47 10.18
N MSE C 91 8.60 1.52 10.50
CA MSE C 91 10.05 1.51 10.34
C MSE C 91 10.75 0.89 11.54
O MSE C 91 11.76 0.21 11.38
CB MSE C 91 10.57 2.93 10.15
CG MSE C 91 9.93 3.69 9.02
SE MSE C 91 10.23 2.81 7.32
CE MSE C 91 8.39 2.32 6.88
N HIS C 92 10.27 1.21 12.73
CA HIS C 92 10.79 0.64 13.97
C HIS C 92 9.81 0.82 15.13
N PRO C 93 10.03 0.10 16.24
CA PRO C 93 9.15 0.20 17.40
C PRO C 93 9.18 1.61 18.00
N ALA C 94 8.13 1.98 18.73
CA ALA C 94 8.18 3.19 19.55
C ALA C 94 9.06 2.94 20.79
N GLU C 95 9.71 3.99 21.28
CA GLU C 95 10.31 3.98 22.61
C GLU C 95 9.22 4.06 23.68
N PRO C 96 9.42 3.35 24.80
CA PRO C 96 8.49 3.48 25.93
C PRO C 96 8.56 4.84 26.61
N HIS C 97 7.48 5.24 27.28
CA HIS C 97 7.50 6.40 28.19
C HIS C 97 7.65 7.73 27.43
N LYS C 98 7.19 7.77 26.19
CA LYS C 98 7.20 8.99 25.38
C LYS C 98 5.92 9.06 24.56
N ASP C 99 5.29 10.23 24.56
CA ASP C 99 4.16 10.49 23.67
C ASP C 99 4.55 10.25 22.24
N VAL C 100 3.56 9.87 21.44
CA VAL C 100 3.76 9.74 20.01
C VAL C 100 3.02 10.85 19.27
N TYR C 101 3.73 11.53 18.39
CA TYR C 101 3.15 12.58 17.57
C TYR C 101 2.88 12.10 16.15
N GLY C 102 1.78 12.58 15.58
CA GLY C 102 1.45 12.30 14.20
C GLY C 102 1.39 13.58 13.40
N PHE C 103 2.06 13.57 12.25
CA PHE C 103 2.01 14.69 11.33
C PHE C 103 1.42 14.24 10.00
N ALA C 104 0.67 15.13 9.36
CA ALA C 104 0.16 14.85 8.01
C ALA C 104 -0.06 16.12 7.22
N GLU C 105 0.22 16.05 5.93
CA GLU C 105 0.00 17.17 5.05
C GLU C 105 -0.66 16.69 3.76
N CYS C 106 -1.65 17.43 3.29
CA CYS C 106 -2.23 17.16 1.99
C CYS C 106 -1.26 17.51 0.88
N TYR C 107 -1.04 16.60 -0.05
CA TYR C 107 -0.05 16.85 -1.08
C TYR C 107 -0.67 16.88 -2.48
N ARG C 108 -1.94 16.46 -2.58
CA ARG C 108 -2.72 16.64 -3.82
C ARG C 108 -4.19 16.81 -3.49
N VAL C 109 -4.85 17.71 -4.21
CA VAL C 109 -6.27 17.93 -4.07
C VAL C 109 -6.89 17.96 -5.46
N THR C 110 -7.81 17.04 -5.72
CA THR C 110 -8.62 17.06 -6.93
C THR C 110 -10.06 17.41 -6.55
N PRO C 111 -10.94 17.59 -7.55
CA PRO C 111 -12.30 18.01 -7.22
C PRO C 111 -12.99 17.15 -6.16
N ASN C 112 -12.72 15.85 -6.13
CA ASN C 112 -13.38 14.96 -5.16
C ASN C 112 -12.46 14.05 -4.34
N VAL C 113 -11.15 14.23 -4.48
CA VAL C 113 -10.19 13.43 -3.72
C VAL C 113 -9.09 14.29 -3.09
N ILE C 114 -8.74 13.98 -1.85
CA ILE C 114 -7.61 14.62 -1.19
C ILE C 114 -6.59 13.54 -0.84
N PHE C 115 -5.33 13.75 -1.23
CA PHE C 115 -4.25 12.83 -0.92
C PHE C 115 -3.33 13.43 0.13
N THR C 116 -3.09 12.67 1.20
CA THR C 116 -2.27 13.14 2.33
C THR C 116 -1.21 12.09 2.65
N ARG C 117 -0.02 12.55 3.00
CA ARG C 117 0.98 11.68 3.57
C ARG C 117 1.45 12.20 4.94
N GLY C 118 1.86 11.29 5.82
CA GLY C 118 2.25 11.65 7.17
C GLY C 118 3.18 10.60 7.74
N PHE C 119 3.56 10.80 9.00
CA PHE C 119 4.45 9.87 9.71
C PHE C 119 4.20 10.00 11.22
N ALA C 120 4.66 9.01 11.97
CA ALA C 120 4.58 9.06 13.43
C ALA C 120 5.98 9.09 13.98
N TYR C 121 6.15 9.80 15.09
CA TYR C 121 7.48 10.01 15.65
C TYR C 121 7.40 10.37 17.13
N GLN C 122 8.54 10.35 17.81
CA GLN C 122 8.56 10.65 19.23
C GLN C 122 9.35 11.91 19.61
N ASP C 123 10.66 11.88 19.42
CA ASP C 123 11.44 13.05 19.79
C ASP C 123 11.46 14.02 18.63
N ASP C 124 12.36 13.78 17.67
CA ASP C 124 12.38 14.51 16.41
C ASP C 124 11.60 13.75 15.32
N PRO C 125 11.02 14.50 14.37
CA PRO C 125 10.49 13.86 13.17
C PRO C 125 11.57 13.04 12.47
N GLY C 126 12.76 12.96 13.09
CA GLY C 126 13.98 12.58 12.37
C GLY C 126 13.89 11.18 11.77
N GLN C 127 13.78 10.18 12.64
CA GLN C 127 13.54 8.83 12.16
C GLN C 127 12.19 8.35 12.64
N PRO C 128 11.14 8.59 11.86
CA PRO C 128 9.79 8.28 12.29
C PRO C 128 9.64 6.80 12.59
N ILE C 129 8.76 6.52 13.55
CA ILE C 129 8.27 5.17 13.82
C ILE C 129 7.66 4.53 12.57
N ALA C 130 6.91 5.32 11.80
CA ALA C 130 6.10 4.78 10.71
C ALA C 130 5.79 5.85 9.69
N HIS C 131 5.49 5.41 8.46
CA HIS C 131 5.00 6.27 7.39
C HIS C 131 3.58 5.88 7.03
N VAL C 132 2.74 6.86 6.70
CA VAL C 132 1.36 6.61 6.31
C VAL C 132 0.97 7.46 5.08
N VAL C 133 0.29 6.83 4.12
CA VAL C 133 -0.28 7.55 2.98
C VAL C 133 -1.78 7.24 2.90
N GLY C 134 -2.58 8.23 2.53
CA GLY C 134 -4.02 8.04 2.52
C GLY C 134 -4.70 8.95 1.51
N ALA C 135 -5.84 8.50 1.00
CA ALA C 135 -6.67 9.31 0.11
C ALA C 135 -8.07 9.37 0.71
N PHE C 136 -8.75 10.51 0.57
CA PHE C 136 -10.06 10.69 1.19
C PHE C 136 -11.02 11.38 0.24
N MSE C 137 -12.31 11.07 0.40
CA MSE C 137 -13.33 11.59 -0.52
C MSE C 137 -13.94 12.87 0.01
O MSE C 137 -14.38 12.92 1.15
CB MSE C 137 -14.44 10.58 -0.71
CG MSE C 137 -15.55 11.05 -1.64
SE MSE C 137 -15.26 10.39 -3.46
CE MSE C 137 -15.93 8.56 -3.21
N ARG C 138 -14.10 13.87 -0.87
CA ARG C 138 -14.66 15.16 -0.45
C ARG C 138 -15.94 15.50 -1.21
N MSE C 139 -16.52 16.65 -0.87
CA MSE C 139 -17.85 17.06 -1.34
C MSE C 139 -18.88 15.95 -1.19
O MSE C 139 -18.57 14.85 -0.70
CB MSE C 139 -17.80 17.60 -2.80
N ASN D 4 -12.90 -23.76 18.51
CA ASN D 4 -13.19 -23.76 19.96
C ASN D 4 -12.03 -23.17 20.77
N PRO D 5 -10.85 -23.84 20.74
CA PRO D 5 -9.70 -23.36 21.51
C PRO D 5 -9.08 -22.12 20.86
N LEU D 6 -9.11 -22.06 19.54
CA LEU D 6 -8.75 -20.87 18.79
C LEU D 6 -9.70 -19.74 19.12
N LEU D 7 -10.99 -20.06 19.17
CA LEU D 7 -12.01 -19.07 19.45
C LEU D 7 -11.75 -18.41 20.79
N GLU D 8 -11.53 -19.22 21.82
CA GLU D 8 -11.28 -18.67 23.15
C GLU D 8 -9.93 -17.99 23.28
N ARG D 9 -8.99 -18.35 22.41
CA ARG D 9 -7.73 -17.61 22.34
C ARG D 9 -7.86 -16.29 21.60
N ALA D 10 -8.60 -16.30 20.49
CA ALA D 10 -8.93 -15.06 19.80
C ALA D 10 -9.65 -14.06 20.75
N ARG D 11 -10.58 -14.56 21.56
CA ARG D 11 -11.36 -13.72 22.45
C ARG D 11 -10.49 -13.08 23.53
N ARG D 12 -9.38 -13.75 23.84
CA ARG D 12 -8.52 -13.32 24.93
C ARG D 12 -7.52 -12.27 24.47
N PHE D 13 -6.93 -12.50 23.30
CA PHE D 13 -6.23 -11.46 22.55
C PHE D 13 -7.05 -10.15 22.49
N LEU D 14 -8.34 -10.30 22.27
CA LEU D 14 -9.19 -9.16 21.98
C LEU D 14 -9.68 -8.46 23.25
N SER D 15 -9.81 -9.23 24.33
CA SER D 15 -10.24 -8.68 25.63
C SER D 15 -9.18 -7.71 26.17
N ALA D 16 -7.93 -7.95 25.79
CA ALA D 16 -6.78 -7.21 26.32
C ALA D 16 -6.53 -5.88 25.60
N LEU D 17 -7.24 -5.67 24.48
CA LEU D 17 -7.20 -4.37 23.79
C LEU D 17 -8.30 -3.46 24.32
N ARG D 18 -7.94 -2.23 24.66
CA ARG D 18 -8.88 -1.27 25.25
C ARG D 18 -9.80 -0.66 24.20
N HIS D 19 -9.19 0.02 23.22
CA HIS D 19 -9.91 0.65 22.12
C HIS D 19 -10.94 -0.30 21.53
N CYS D 20 -10.55 -1.57 21.41
CA CYS D 20 -11.45 -2.58 20.89
C CYS D 20 -12.69 -2.81 21.75
N GLN D 21 -12.52 -2.71 23.06
CA GLN D 21 -13.62 -2.87 24.01
C GLN D 21 -14.57 -1.68 23.99
N VAL D 22 -14.04 -0.48 23.77
CA VAL D 22 -14.89 0.68 23.51
C VAL D 22 -15.67 0.57 22.21
N LEU D 23 -15.03 0.04 21.17
CA LEU D 23 -15.72 -0.27 19.93
C LEU D 23 -16.75 -1.38 20.14
N GLY D 24 -16.56 -2.18 21.17
CA GLY D 24 -17.40 -3.36 21.41
C GLY D 24 -17.18 -4.47 20.41
N LEU D 25 -15.95 -4.59 19.92
CA LEU D 25 -15.56 -5.69 19.03
C LEU D 25 -15.78 -7.05 19.69
N THR D 26 -16.30 -8.02 18.95
CA THR D 26 -16.40 -9.39 19.42
C THR D 26 -15.88 -10.36 18.39
N VAL D 27 -15.49 -11.55 18.82
CA VAL D 27 -15.07 -12.58 17.89
C VAL D 27 -16.30 -13.37 17.43
N GLU D 28 -16.71 -13.19 16.18
CA GLU D 28 -17.87 -13.90 15.63
C GLU D 28 -17.57 -15.38 15.38
N ALA D 29 -16.48 -15.63 14.69
CA ALA D 29 -16.05 -16.98 14.34
C ALA D 29 -14.53 -17.08 14.35
N ALA D 30 -14.02 -18.27 14.63
CA ALA D 30 -12.59 -18.51 14.54
C ALA D 30 -12.34 -19.99 14.37
N ASP D 31 -11.67 -20.35 13.29
CA ASP D 31 -11.14 -21.71 13.15
C ASP D 31 -9.79 -21.69 12.45
N GLU D 32 -9.34 -22.86 12.02
CA GLU D 32 -8.09 -23.00 11.28
C GLU D 32 -8.13 -22.17 9.99
N LYS D 33 -9.34 -21.98 9.45
CA LYS D 33 -9.52 -21.20 8.21
C LYS D 33 -9.14 -19.72 8.32
N GLY D 34 -9.33 -19.12 9.50
CA GLY D 34 -9.19 -17.66 9.64
C GLY D 34 -10.19 -17.09 10.63
N LEU D 35 -10.29 -15.78 10.70
CA LEU D 35 -10.92 -15.14 11.84
C LEU D 35 -11.97 -14.11 11.42
N THR D 36 -13.15 -14.18 12.04
CA THR D 36 -14.19 -13.18 11.82
C THR D 36 -14.51 -12.38 13.08
N LEU D 37 -14.37 -11.07 12.99
CA LEU D 37 -14.60 -10.17 14.12
C LEU D 37 -15.84 -9.34 13.80
N ARG D 38 -16.57 -8.96 14.84
CA ARG D 38 -17.73 -8.09 14.66
C ARG D 38 -17.53 -6.68 15.20
N LEU D 39 -18.01 -5.70 14.44
CA LEU D 39 -18.06 -4.31 14.90
C LEU D 39 -19.52 -3.83 14.94
N PRO D 40 -20.08 -3.68 16.14
CA PRO D 40 -21.47 -3.25 16.18
C PRO D 40 -21.61 -1.84 15.64
N TYR D 41 -22.63 -1.60 14.82
CA TYR D 41 -22.79 -0.32 14.17
C TYR D 41 -22.92 0.86 15.15
N SER D 42 -23.55 0.62 16.30
CA SER D 42 -23.84 1.69 17.24
C SER D 42 -22.57 2.35 17.77
N GLN D 43 -21.51 1.54 17.86
CA GLN D 43 -20.26 1.97 18.45
C GLN D 43 -19.33 2.63 17.42
N ALA D 44 -19.77 2.64 16.16
CA ALA D 44 -18.96 3.14 15.05
C ALA D 44 -19.46 4.49 14.54
N ILE D 45 -20.69 4.84 14.91
CA ILE D 45 -21.37 6.02 14.36
C ILE D 45 -20.56 7.28 14.66
N ILE D 46 -20.29 8.06 13.60
CA ILE D 46 -19.75 9.40 13.76
C ILE D 46 -20.80 10.44 13.32
N GLY D 47 -21.05 11.43 14.18
CA GLY D 47 -22.08 12.43 13.92
C GLY D 47 -23.46 12.02 14.40
N ASN D 48 -24.48 12.63 13.79
CA ASN D 48 -25.89 12.31 14.09
C ASN D 48 -26.16 10.81 14.09
N PRO D 49 -26.61 10.25 15.24
CA PRO D 49 -26.85 8.81 15.37
C PRO D 49 -27.99 8.29 14.49
N GLU D 50 -28.91 9.19 14.11
CA GLU D 50 -29.98 8.84 13.19
C GLU D 50 -29.52 8.80 11.73
N SER D 51 -28.65 9.74 11.36
CA SER D 51 -27.95 9.69 10.07
C SER D 51 -27.00 8.49 10.02
N GLY D 52 -26.00 8.50 10.90
CA GLY D 52 -25.41 7.26 11.40
C GLY D 52 -24.22 6.81 10.58
N VAL D 53 -23.46 7.76 10.06
CA VAL D 53 -22.36 7.45 9.16
C VAL D 53 -21.22 6.74 9.90
N VAL D 54 -20.93 5.51 9.51
CA VAL D 54 -19.89 4.73 10.16
C VAL D 54 -18.50 5.28 9.83
N HIS D 55 -17.67 5.44 10.85
CA HIS D 55 -16.39 6.13 10.70
C HIS D 55 -15.34 5.19 10.13
N GLY D 56 -14.63 5.64 9.09
CA GLY D 56 -13.53 4.88 8.54
C GLY D 56 -12.61 4.37 9.62
N GLY D 57 -12.36 5.21 10.63
CA GLY D 57 -11.38 4.89 11.66
C GLY D 57 -11.72 3.63 12.44
N ALA D 58 -13.01 3.40 12.65
CA ALA D 58 -13.49 2.26 13.45
C ALA D 58 -13.31 0.96 12.66
N ILE D 59 -13.41 1.09 11.34
CA ILE D 59 -13.18 -0.01 10.41
C ILE D 59 -11.69 -0.33 10.23
N THR D 60 -10.84 0.70 10.31
CA THR D 60 -9.39 0.50 10.33
C THR D 60 -8.99 -0.30 11.55
N THR D 61 -9.54 0.07 12.70
CA THR D 61 -9.28 -0.67 13.92
C THR D 61 -9.75 -2.09 13.78
N LEU D 62 -10.99 -2.25 13.34
CA LEU D 62 -11.54 -3.57 13.04
C LEU D 62 -10.58 -4.43 12.21
N MSE D 63 -10.16 -3.92 11.06
N MSE D 63 -10.09 -3.89 11.10
CA MSE D 63 -9.32 -4.72 10.16
CA MSE D 63 -9.33 -4.68 10.14
C MSE D 63 -7.91 -4.97 10.70
C MSE D 63 -7.87 -4.92 10.56
O MSE D 63 -7.46 -6.12 10.78
O MSE D 63 -7.34 -6.03 10.42
CB MSE D 63 -9.28 -4.11 8.76
CB MSE D 63 -9.40 -4.06 8.75
CG MSE D 63 -10.60 -4.23 8.00
CG MSE D 63 -10.84 -4.01 8.21
SE MSE D 63 -11.51 -5.94 8.27
SE MSE D 63 -10.97 -3.34 6.37
CE MSE D 63 -10.02 -7.18 7.78
CE MSE D 63 -9.50 -4.36 5.54
N ASP D 64 -7.27 -3.90 11.19
CA ASP D 64 -5.96 -4.06 11.83
C ASP D 64 -6.00 -5.10 12.95
N THR D 65 -7.04 -5.05 13.76
CA THR D 65 -7.22 -6.02 14.84
C THR D 65 -7.54 -7.43 14.33
N THR D 66 -8.44 -7.52 13.36
CA THR D 66 -8.71 -8.80 12.73
C THR D 66 -7.47 -9.44 12.10
N CYS D 67 -6.74 -8.65 11.31
CA CYS D 67 -5.50 -9.14 10.70
C CYS D 67 -4.50 -9.59 11.76
N GLY D 68 -4.27 -8.73 12.74
CA GLY D 68 -3.41 -9.07 13.88
C GLY D 68 -3.80 -10.35 14.58
N ILE D 69 -5.06 -10.49 14.96
CA ILE D 69 -5.45 -11.61 15.81
C ILE D 69 -5.55 -12.91 15.00
N SER D 70 -5.67 -12.78 13.69
CA SER D 70 -5.80 -13.96 12.85
C SER D 70 -4.54 -14.78 12.93
N THR D 71 -3.46 -14.16 13.44
CA THR D 71 -2.20 -14.87 13.66
C THR D 71 -2.35 -16.06 14.61
N VAL D 72 -3.37 -16.03 15.46
CA VAL D 72 -3.61 -17.14 16.38
C VAL D 72 -3.96 -18.43 15.66
N CYS D 73 -4.39 -18.33 14.40
CA CYS D 73 -4.63 -19.52 13.60
C CYS D 73 -3.34 -20.27 13.28
N VAL D 74 -2.20 -19.58 13.35
CA VAL D 74 -0.94 -20.18 12.91
C VAL D 74 0.13 -20.24 14.00
N LEU D 75 -0.12 -19.59 15.13
CA LEU D 75 0.82 -19.59 16.23
C LEU D 75 0.35 -20.50 17.35
N PRO D 76 1.15 -21.52 17.69
CA PRO D 76 0.78 -22.50 18.71
C PRO D 76 0.59 -21.86 20.09
N ASP D 77 1.54 -21.02 20.52
CA ASP D 77 1.43 -20.35 21.82
C ASP D 77 0.88 -18.95 21.65
N PHE D 78 0.29 -18.42 22.73
CA PHE D 78 -0.18 -17.04 22.73
C PHE D 78 0.97 -16.07 22.50
N GLU D 79 0.85 -15.23 21.48
CA GLU D 79 1.70 -14.06 21.38
C GLU D 79 1.09 -12.94 20.56
N ILE D 80 1.40 -11.71 20.95
CA ILE D 80 0.96 -10.53 20.19
C ILE D 80 2.00 -10.14 19.14
N CYS D 81 1.54 -10.06 17.89
CA CYS D 81 2.43 -9.72 16.78
C CYS D 81 2.17 -8.30 16.29
N PRO D 82 3.12 -7.39 16.57
CA PRO D 82 3.00 -5.99 16.17
C PRO D 82 2.90 -5.85 14.66
N THR D 83 2.06 -4.89 14.23
CA THR D 83 1.89 -4.57 12.82
C THR D 83 3.21 -4.10 12.21
N LEU D 84 3.56 -4.64 11.04
CA LEU D 84 4.71 -4.15 10.29
C LEU D 84 4.28 -3.26 9.13
N ASP D 85 3.19 -3.64 8.49
CA ASP D 85 2.60 -2.83 7.44
C ASP D 85 1.14 -3.22 7.25
N LEU D 86 0.34 -2.26 6.82
CA LEU D 86 -1.08 -2.49 6.59
C LEU D 86 -1.53 -1.74 5.34
N ARG D 87 -2.42 -2.34 4.57
CA ARG D 87 -3.06 -1.65 3.43
C ARG D 87 -4.55 -1.88 3.48
N ILE D 88 -5.31 -0.81 3.36
CA ILE D 88 -6.76 -0.91 3.31
C ILE D 88 -7.25 -0.13 2.10
N ASP D 89 -8.13 -0.75 1.31
CA ASP D 89 -8.72 -0.08 0.17
C ASP D 89 -10.24 -0.28 0.17
N TYR D 90 -10.96 0.81 0.38
CA TYR D 90 -12.42 0.82 0.30
C TYR D 90 -12.95 0.65 -1.11
N MSE D 91 -13.91 -0.26 -1.27
CA MSE D 91 -14.65 -0.39 -2.53
C MSE D 91 -15.88 0.48 -2.51
O MSE D 91 -16.39 0.88 -3.55
CB MSE D 91 -15.08 -1.84 -2.76
CG MSE D 91 -13.94 -2.84 -2.66
SE MSE D 91 -12.64 -2.60 -4.12
CE MSE D 91 -11.26 -1.64 -3.14
N HIS D 92 -16.41 0.70 -1.31
CA HIS D 92 -17.56 1.56 -1.17
C HIS D 92 -17.86 1.77 0.30
N PRO D 93 -18.55 2.87 0.61
CA PRO D 93 -18.75 3.23 2.00
C PRO D 93 -19.60 2.20 2.74
N ALA D 94 -19.33 2.01 4.03
CA ALA D 94 -20.16 1.16 4.85
C ALA D 94 -21.56 1.75 4.94
N GLU D 95 -22.57 0.88 4.94
CA GLU D 95 -23.93 1.31 5.22
C GLU D 95 -24.14 1.56 6.71
N PRO D 96 -24.96 2.55 7.03
CA PRO D 96 -25.35 2.82 8.42
C PRO D 96 -26.31 1.75 8.95
N HIS D 97 -26.32 1.56 10.26
CA HIS D 97 -27.34 0.71 10.90
C HIS D 97 -27.16 -0.78 10.59
N LYS D 98 -25.98 -1.14 10.12
CA LYS D 98 -25.62 -2.54 9.93
C LYS D 98 -24.25 -2.81 10.54
N ASP D 99 -24.11 -3.91 11.26
CA ASP D 99 -22.83 -4.28 11.84
C ASP D 99 -21.84 -4.57 10.73
N VAL D 100 -20.55 -4.38 11.02
CA VAL D 100 -19.51 -4.63 10.06
C VAL D 100 -18.67 -5.84 10.52
N TYR D 101 -18.48 -6.79 9.62
CA TYR D 101 -17.72 -7.98 9.94
C TYR D 101 -16.38 -7.90 9.26
N GLY D 102 -15.33 -8.27 9.99
CA GLY D 102 -13.98 -8.31 9.46
C GLY D 102 -13.51 -9.75 9.43
N PHE D 103 -13.09 -10.21 8.26
CA PHE D 103 -12.51 -11.53 8.13
C PHE D 103 -11.02 -11.38 7.79
N ALA D 104 -10.20 -12.30 8.29
CA ALA D 104 -8.83 -12.41 7.82
C ALA D 104 -8.25 -13.81 7.94
N GLU D 105 -7.17 -14.06 7.21
CA GLU D 105 -6.59 -15.38 7.08
C GLU D 105 -5.11 -15.20 6.71
N CYS D 106 -4.24 -15.83 7.47
CA CYS D 106 -2.81 -15.85 7.15
C CYS D 106 -2.56 -16.61 5.87
N TYR D 107 -1.73 -16.06 4.99
CA TYR D 107 -1.47 -16.70 3.70
C TYR D 107 0.00 -17.03 3.50
N ARG D 108 0.86 -16.41 4.29
CA ARG D 108 2.26 -16.77 4.35
C ARG D 108 2.80 -16.61 5.77
N VAL D 109 3.53 -17.63 6.21
CA VAL D 109 4.16 -17.64 7.51
C VAL D 109 5.66 -17.84 7.35
N THR D 110 6.43 -16.98 7.99
CA THR D 110 7.89 -16.99 7.88
C THR D 110 8.47 -17.04 9.31
N PRO D 111 9.75 -17.38 9.46
CA PRO D 111 10.19 -17.47 10.85
C PRO D 111 9.80 -16.25 11.71
N ASN D 112 9.85 -15.05 11.15
CA ASN D 112 9.61 -13.83 11.93
C ASN D 112 8.52 -12.91 11.40
N VAL D 113 7.87 -13.31 10.32
CA VAL D 113 6.80 -12.52 9.71
C VAL D 113 5.57 -13.38 9.41
N ILE D 114 4.39 -12.88 9.73
CA ILE D 114 3.13 -13.46 9.25
C ILE D 114 2.42 -12.49 8.32
N PHE D 115 2.12 -12.96 7.12
CA PHE D 115 1.38 -12.15 6.15
C PHE D 115 -0.07 -12.58 6.13
N THR D 116 -0.95 -11.60 6.26
CA THR D 116 -2.37 -11.86 6.29
C THR D 116 -3.14 -10.98 5.32
N ARG D 117 -4.32 -11.46 4.92
CA ARG D 117 -5.22 -10.74 4.02
C ARG D 117 -6.66 -10.94 4.50
N GLY D 118 -7.48 -9.92 4.34
CA GLY D 118 -8.89 -10.05 4.71
C GLY D 118 -9.75 -8.98 4.06
N PHE D 119 -10.95 -8.80 4.60
CA PHE D 119 -11.89 -7.81 4.07
C PHE D 119 -12.94 -7.48 5.11
N ALA D 120 -13.61 -6.35 4.93
CA ALA D 120 -14.76 -5.99 5.74
C ALA D 120 -16.03 -6.06 4.89
N TYR D 121 -17.13 -6.44 5.52
CA TYR D 121 -18.39 -6.55 4.80
C TYR D 121 -19.55 -6.42 5.79
N GLN D 122 -20.75 -6.32 5.26
CA GLN D 122 -21.93 -6.20 6.10
C GLN D 122 -22.94 -7.35 5.97
N ASP D 123 -23.83 -7.27 4.98
CA ASP D 123 -24.79 -8.35 4.74
C ASP D 123 -24.19 -9.48 3.93
N ASP D 124 -23.44 -9.13 2.88
CA ASP D 124 -22.97 -10.11 1.93
C ASP D 124 -21.46 -10.11 1.84
N PRO D 125 -20.81 -11.20 2.27
CA PRO D 125 -19.35 -11.29 2.29
C PRO D 125 -18.74 -11.16 0.90
N GLY D 126 -19.58 -11.31 -0.12
CA GLY D 126 -19.13 -11.16 -1.50
C GLY D 126 -19.30 -9.75 -2.02
N GLN D 127 -19.87 -8.86 -1.20
CA GLN D 127 -19.78 -7.43 -1.45
C GLN D 127 -18.93 -6.71 -0.40
N PRO D 128 -17.60 -6.92 -0.42
CA PRO D 128 -16.77 -6.27 0.59
C PRO D 128 -16.79 -4.75 0.47
N ILE D 129 -16.86 -4.06 1.60
CA ILE D 129 -16.71 -2.63 1.61
C ILE D 129 -15.24 -2.25 1.51
N ALA D 130 -14.36 -3.16 1.88
CA ALA D 130 -12.93 -2.88 1.91
C ALA D 130 -12.08 -4.15 1.87
N HIS D 131 -10.90 -4.02 1.29
CA HIS D 131 -9.86 -5.06 1.32
C HIS D 131 -8.61 -4.67 2.10
N VAL D 132 -7.98 -5.66 2.73
CA VAL D 132 -6.84 -5.41 3.60
C VAL D 132 -5.79 -6.51 3.47
N VAL D 133 -4.52 -6.11 3.44
CA VAL D 133 -3.40 -7.02 3.64
C VAL D 133 -2.45 -6.40 4.65
N GLY D 134 -1.86 -7.23 5.50
CA GLY D 134 -0.93 -6.73 6.50
C GLY D 134 0.15 -7.74 6.77
N ALA D 135 1.30 -7.24 7.23
CA ALA D 135 2.35 -8.10 7.71
C ALA D 135 2.56 -7.84 9.19
N PHE D 136 2.87 -8.89 9.92
CA PHE D 136 2.96 -8.80 11.36
C PHE D 136 4.23 -9.49 11.82
N MSE D 137 4.88 -8.91 12.83
CA MSE D 137 6.11 -9.48 13.34
C MSE D 137 5.85 -10.40 14.52
O MSE D 137 5.14 -10.03 15.44
CB MSE D 137 7.08 -8.38 13.75
CG MSE D 137 8.38 -8.93 14.29
SE MSE D 137 9.92 -8.02 13.53
CE MSE D 137 10.09 -6.57 14.84
N ARG D 138 6.55 -11.52 14.55
CA ARG D 138 6.60 -12.28 15.78
C ARG D 138 7.97 -12.33 16.44
N MSE D 139 7.99 -12.03 17.74
CA MSE D 139 9.21 -11.66 18.45
C MSE D 139 9.79 -12.85 19.20
O MSE D 139 10.98 -12.82 19.60
CB MSE D 139 8.95 -10.51 19.43
CG MSE D 139 7.82 -9.56 19.02
SE MSE D 139 8.35 -8.13 17.77
CE MSE D 139 10.19 -7.77 18.44
MG MG E . 11.60 -14.24 8.59
MG MG F . -11.79 13.93 -8.57
#